data_6JVW
#
_entry.id   6JVW
#
_cell.length_a   68.409
_cell.length_b   74.181
_cell.length_c   68.727
_cell.angle_alpha   90.000
_cell.angle_beta   119.070
_cell.angle_gamma   90.000
#
_symmetry.space_group_name_H-M   'P 1 21 1'
#
loop_
_entity.id
_entity.type
_entity.pdbx_description
1 polymer 'maleylpyruvate hydrolase'
2 non-polymer 'PYRUVIC ACID'
3 non-polymer 'MANGANESE (II) ION'
4 non-polymer GLYCEROL
5 water water
#
_entity_poly.entity_id   1
_entity_poly.type   'polypeptide(L)'
_entity_poly.pdbx_seq_one_letter_code
;MRLARFDGGRLGVVIGDEIADITALTGADPAQWPDMNMIRLIRDFEGLRGAIEAALPGLARIPLAQVSLETPVPWPNKII
AYPVNYHAHGREMQAQYRATNQGFFLKPGSALSGPTDPVVLPAVPGREVHHESELAIIIGKTCRSVAREDWKDVVFGYAC
LLDMVVRGREERVFRKAYDTFCPVGPWITTADAVNDPATLDMKLWVNDDLRQKANTRDLVLDIPGMIATASAVMTLQPGD
IIATGTPEGVGPVVDGDRIRIVIDQVGEMAVDVVQGQEGMTEVFAQPYVPPIIKQALEHHHHHH
;
_entity_poly.pdbx_strand_id   A,B
#
# COMPACT_ATOMS: atom_id res chain seq x y z
N MET A 1 10.19 19.13 15.97
CA MET A 1 9.30 19.87 15.04
C MET A 1 8.07 19.01 14.77
N ARG A 2 6.93 19.64 14.54
CA ARG A 2 5.61 19.00 14.41
C ARG A 2 5.07 19.33 13.02
N LEU A 3 5.05 18.33 12.12
CA LEU A 3 4.62 18.47 10.69
C LEU A 3 3.22 17.86 10.49
N ALA A 4 2.38 18.61 9.79
CA ALA A 4 0.94 18.37 9.70
C ALA A 4 0.49 18.66 8.28
N ARG A 5 -0.51 17.92 7.82
CA ARG A 5 -1.34 18.26 6.64
C ARG A 5 -2.62 18.90 7.16
N PHE A 6 -3.16 19.86 6.43
CA PHE A 6 -4.41 20.57 6.81
C PHE A 6 -5.08 21.14 5.56
N ASP A 7 -6.37 21.46 5.69
CA ASP A 7 -7.28 22.05 4.65
C ASP A 7 -6.87 21.61 3.24
N GLY A 8 -7.02 20.31 2.93
CA GLY A 8 -6.89 19.77 1.57
C GLY A 8 -5.45 19.47 1.16
N GLY A 9 -4.59 19.12 2.11
CA GLY A 9 -3.22 18.65 1.83
C GLY A 9 -2.21 19.79 1.82
N ARG A 10 -2.52 20.88 2.52
CA ARG A 10 -1.51 21.95 2.78
C ARG A 10 -0.56 21.39 3.83
N LEU A 11 0.74 21.71 3.72
CA LEU A 11 1.76 21.29 4.71
C LEU A 11 1.99 22.44 5.68
N GLY A 12 2.03 22.15 6.96
CA GLY A 12 2.30 23.18 7.97
C GLY A 12 3.23 22.70 9.07
N VAL A 13 3.85 23.66 9.77
CA VAL A 13 4.55 23.44 11.06
C VAL A 13 3.64 23.94 12.19
N VAL A 14 3.41 23.10 13.17
CA VAL A 14 2.57 23.40 14.35
C VAL A 14 3.49 24.07 15.38
N ILE A 15 3.19 25.33 15.71
CA ILE A 15 3.92 26.20 16.69
C ILE A 15 2.88 26.66 17.72
N GLY A 16 2.95 26.15 18.94
CA GLY A 16 1.97 26.47 19.99
C GLY A 16 0.56 26.06 19.56
N ASP A 17 -0.39 27.01 19.61
CA ASP A 17 -1.82 26.84 19.20
C ASP A 17 -2.00 27.27 17.75
N GLU A 18 -0.89 27.46 17.03
CA GLU A 18 -0.94 27.90 15.61
C GLU A 18 -0.20 26.90 14.72
N ILE A 19 -0.44 27.04 13.41
CA ILE A 19 0.25 26.29 12.34
C ILE A 19 0.74 27.33 11.32
N ALA A 20 2.00 27.24 10.93
CA ALA A 20 2.63 28.05 9.86
C ALA A 20 2.61 27.26 8.55
N ASP A 21 2.18 27.88 7.46
CA ASP A 21 2.05 27.20 6.14
C ASP A 21 3.41 27.12 5.45
N ILE A 22 3.98 25.92 5.26
CA ILE A 22 5.26 25.72 4.51
C ILE A 22 4.99 25.21 3.09
N THR A 23 3.75 25.33 2.59
CA THR A 23 3.34 24.73 1.29
C THR A 23 4.21 25.28 0.16
N ALA A 24 4.18 26.60 -0.06
CA ALA A 24 4.89 27.34 -1.14
C ALA A 24 6.42 27.26 -0.91
N LEU A 25 6.89 27.48 0.32
CA LEU A 25 8.33 27.31 0.67
C LEU A 25 8.83 25.95 0.14
N THR A 26 8.20 24.83 0.52
CA THR A 26 8.63 23.46 0.12
C THR A 26 8.29 23.17 -1.35
N GLY A 27 7.43 23.95 -2.01
CA GLY A 27 7.05 23.69 -3.42
C GLY A 27 6.08 22.52 -3.57
N ALA A 28 5.31 22.25 -2.52
CA ALA A 28 4.28 21.19 -2.44
C ALA A 28 3.01 21.67 -3.17
N ASP A 29 2.39 20.82 -4.00
CA ASP A 29 1.10 21.14 -4.68
C ASP A 29 -0.01 20.38 -3.98
N PRO A 30 -0.89 21.08 -3.22
CA PRO A 30 -2.00 20.46 -2.49
C PRO A 30 -3.11 19.84 -3.36
N ALA A 31 -3.16 20.19 -4.65
CA ALA A 31 -4.05 19.59 -5.67
C ALA A 31 -3.42 18.33 -6.29
N GLN A 32 -2.20 17.97 -5.93
CA GLN A 32 -1.55 16.72 -6.40
C GLN A 32 -2.42 15.52 -5.99
N TRP A 33 -2.69 14.64 -6.95
CA TRP A 33 -3.37 13.34 -6.73
C TRP A 33 -2.62 12.24 -7.48
N PRO A 34 -2.27 11.10 -6.84
CA PRO A 34 -2.34 10.95 -5.38
C PRO A 34 -1.42 11.90 -4.61
N ASP A 35 -1.85 12.33 -3.41
CA ASP A 35 -1.09 13.31 -2.59
C ASP A 35 0.13 12.64 -1.96
N MET A 36 1.33 12.94 -2.45
CA MET A 36 2.60 12.34 -1.95
C MET A 36 3.54 13.41 -1.39
N ASN A 37 3.00 14.56 -0.98
CA ASN A 37 3.74 15.79 -0.63
C ASN A 37 4.53 15.54 0.65
N MET A 38 3.90 14.92 1.64
CA MET A 38 4.56 14.68 2.94
C MET A 38 5.65 13.63 2.79
N ILE A 39 5.49 12.69 1.88
CA ILE A 39 6.51 11.63 1.67
C ILE A 39 7.76 12.28 1.06
N ARG A 40 7.58 13.19 0.11
CA ARG A 40 8.69 13.99 -0.48
C ARG A 40 9.36 14.89 0.56
N LEU A 41 8.57 15.65 1.34
CA LEU A 41 9.08 16.41 2.50
C LEU A 41 9.87 15.44 3.40
N ILE A 42 9.32 14.29 3.77
CA ILE A 42 10.07 13.36 4.65
C ILE A 42 11.39 12.96 3.97
N ARG A 43 11.39 12.59 2.68
CA ARG A 43 12.63 12.05 2.04
C ARG A 43 13.70 13.15 2.10
N ASP A 44 13.30 14.39 1.90
CA ASP A 44 14.23 15.54 1.70
C ASP A 44 14.45 16.33 2.99
N PHE A 45 14.01 15.83 4.15
CA PHE A 45 13.84 16.70 5.34
C PHE A 45 15.20 17.26 5.80
N GLU A 46 16.23 16.41 5.83
CA GLU A 46 17.57 16.81 6.37
C GLU A 46 18.12 17.94 5.46
N GLY A 47 17.60 18.07 4.24
CA GLY A 47 17.89 19.20 3.34
C GLY A 47 16.96 20.39 3.45
N LEU A 48 15.82 20.33 4.16
CA LEU A 48 14.79 21.41 4.16
C LEU A 48 14.55 21.95 5.56
N ARG A 49 14.94 21.23 6.61
CA ARG A 49 14.67 21.65 8.01
C ARG A 49 15.25 23.04 8.23
N GLY A 50 16.52 23.24 7.85
CA GLY A 50 17.22 24.53 7.99
C GLY A 50 16.48 25.67 7.32
N ALA A 51 15.96 25.40 6.13
CA ALA A 51 15.20 26.39 5.34
C ALA A 51 13.90 26.72 6.07
N ILE A 52 13.21 25.71 6.59
CA ILE A 52 11.92 25.90 7.31
C ILE A 52 12.20 26.76 8.54
N GLU A 53 13.20 26.38 9.33
CA GLU A 53 13.62 27.10 10.57
C GLU A 53 14.00 28.55 10.21
N ALA A 54 14.78 28.76 9.15
CA ALA A 54 15.25 30.12 8.78
C ALA A 54 14.06 30.98 8.30
N ALA A 55 13.05 30.41 7.64
CA ALA A 55 11.96 31.19 7.00
C ALA A 55 10.70 31.29 7.88
N LEU A 56 10.58 30.51 8.94
CA LEU A 56 9.35 30.47 9.79
C LEU A 56 8.81 31.86 10.13
N PRO A 57 9.67 32.82 10.54
CA PRO A 57 9.19 34.11 11.03
C PRO A 57 8.42 34.89 9.97
N GLY A 58 8.67 34.63 8.69
CA GLY A 58 7.99 35.28 7.57
C GLY A 58 6.70 34.56 7.17
N LEU A 59 6.44 33.34 7.65
CA LEU A 59 5.30 32.52 7.14
C LEU A 59 3.99 32.95 7.82
N ALA A 60 2.89 32.89 7.06
CA ALA A 60 1.47 32.99 7.52
C ALA A 60 1.20 31.99 8.65
N ARG A 61 0.76 32.48 9.81
CA ARG A 61 0.39 31.69 11.00
C ARG A 61 -1.13 31.78 11.19
N ILE A 62 -1.81 30.64 11.18
CA ILE A 62 -3.28 30.47 11.35
C ILE A 62 -3.50 29.74 12.67
N PRO A 63 -4.49 30.13 13.50
CA PRO A 63 -4.80 29.38 14.72
C PRO A 63 -5.21 27.94 14.36
N LEU A 64 -4.77 26.97 15.15
CA LEU A 64 -5.15 25.55 15.01
C LEU A 64 -6.68 25.45 15.00
N ALA A 65 -7.33 26.24 15.84
CA ALA A 65 -8.81 26.31 15.99
C ALA A 65 -9.49 26.59 14.64
N GLN A 66 -8.81 27.17 13.65
CA GLN A 66 -9.45 27.61 12.37
C GLN A 66 -9.14 26.70 11.18
N VAL A 67 -8.47 25.56 11.35
CA VAL A 67 -8.07 24.65 10.22
C VAL A 67 -8.56 23.23 10.48
N SER A 68 -8.68 22.42 9.43
CA SER A 68 -9.00 20.96 9.49
C SER A 68 -7.71 20.16 9.31
N LEU A 69 -7.13 19.71 10.42
CA LEU A 69 -5.98 18.80 10.43
C LEU A 69 -6.37 17.49 9.74
N GLU A 70 -5.50 16.98 8.87
CA GLU A 70 -5.68 15.71 8.13
C GLU A 70 -4.63 14.68 8.58
N THR A 71 -4.80 13.44 8.17
CA THR A 71 -3.78 12.37 8.32
C THR A 71 -2.53 12.87 7.62
N PRO A 72 -1.37 12.80 8.31
CA PRO A 72 -0.15 13.41 7.81
C PRO A 72 0.40 12.67 6.57
N VAL A 73 0.20 11.35 6.48
CA VAL A 73 0.64 10.56 5.29
C VAL A 73 -0.49 9.73 4.74
N PRO A 74 -1.17 10.19 3.67
CA PRO A 74 -2.37 9.52 3.18
C PRO A 74 -2.23 8.32 2.23
N TRP A 75 -1.04 8.07 1.69
CA TRP A 75 -0.81 6.97 0.70
C TRP A 75 0.59 6.42 0.91
N PRO A 76 0.81 5.77 2.06
CA PRO A 76 2.12 5.25 2.38
C PRO A 76 2.34 4.05 1.46
N ASN A 77 3.60 3.70 1.19
CA ASN A 77 3.93 2.43 0.49
C ASN A 77 3.29 1.26 1.27
N LYS A 78 3.33 1.27 2.62
CA LYS A 78 2.74 0.20 3.48
C LYS A 78 2.51 0.67 4.92
N ILE A 79 1.61 -0.01 5.63
CA ILE A 79 1.38 0.12 7.10
C ILE A 79 1.63 -1.24 7.75
N ILE A 80 2.70 -1.33 8.53
CA ILE A 80 3.13 -2.60 9.16
C ILE A 80 2.72 -2.55 10.62
N ALA A 81 1.99 -3.55 11.09
CA ALA A 81 1.41 -3.52 12.45
C ALA A 81 1.88 -4.77 13.20
N TYR A 82 2.34 -4.57 14.43
CA TYR A 82 2.75 -5.67 15.33
C TYR A 82 1.59 -6.01 16.27
N PRO A 83 1.20 -7.30 16.32
CA PRO A 83 0.12 -7.72 17.19
C PRO A 83 0.66 -7.85 18.62
N VAL A 84 -0.15 -7.50 19.63
CA VAL A 84 0.10 -7.62 21.09
C VAL A 84 1.17 -6.60 21.46
N ASN A 85 2.36 -7.09 21.82
CA ASN A 85 3.65 -6.37 21.85
C ASN A 85 3.77 -5.50 23.11
N TYR A 86 2.95 -5.73 24.15
CA TYR A 86 3.16 -5.13 25.50
C TYR A 86 3.14 -6.20 26.59
N HIS A 87 4.06 -6.08 27.55
CA HIS A 87 4.04 -6.81 28.86
C HIS A 87 2.78 -6.41 29.65
N ALA A 88 1.99 -7.38 30.11
CA ALA A 88 0.78 -7.22 30.97
C ALA A 88 1.01 -6.20 32.10
N GLY A 103 3.86 -12.96 13.68
CA GLY A 103 4.69 -11.81 13.28
C GLY A 103 3.83 -10.62 12.88
N PHE A 104 4.39 -9.65 12.15
CA PHE A 104 3.66 -8.40 11.74
C PHE A 104 2.56 -8.71 10.71
N PHE A 105 1.57 -7.83 10.61
CA PHE A 105 0.54 -7.91 9.55
C PHE A 105 0.51 -6.56 8.83
N LEU A 106 -0.32 -6.43 7.81
CA LEU A 106 -0.37 -5.19 6.99
C LEU A 106 -1.78 -4.62 7.09
N LYS A 107 -1.86 -3.29 7.11
CA LYS A 107 -3.13 -2.52 7.01
C LYS A 107 -3.11 -1.84 5.66
N PRO A 108 -4.28 -1.72 5.00
CA PRO A 108 -4.40 -1.00 3.74
C PRO A 108 -4.33 0.51 4.00
N GLY A 109 -3.60 1.23 3.15
CA GLY A 109 -3.60 2.70 3.12
C GLY A 109 -5.02 3.28 3.16
N SER A 110 -5.97 2.60 2.52
CA SER A 110 -7.38 3.01 2.41
C SER A 110 -8.05 3.20 3.80
N ALA A 111 -7.54 2.52 4.84
CA ALA A 111 -8.03 2.55 6.24
C ALA A 111 -7.61 3.83 6.98
N LEU A 112 -6.62 4.59 6.45
CA LEU A 112 -6.10 5.79 7.14
C LEU A 112 -7.21 6.84 7.29
N SER A 113 -7.31 7.52 8.43
CA SER A 113 -8.15 8.74 8.61
C SER A 113 -7.45 9.70 9.56
N GLY A 114 -7.84 10.97 9.51
CA GLY A 114 -7.19 12.05 10.27
C GLY A 114 -7.88 12.33 11.59
N PRO A 115 -7.35 13.29 12.36
CA PRO A 115 -7.81 13.56 13.72
C PRO A 115 -9.16 14.28 13.78
N THR A 116 -9.67 14.80 12.66
CA THR A 116 -11.02 15.40 12.58
C THR A 116 -12.03 14.50 11.84
N ASP A 117 -11.65 13.28 11.42
CA ASP A 117 -12.58 12.35 10.71
C ASP A 117 -13.16 11.38 11.74
N PRO A 118 -14.47 11.05 11.66
CA PRO A 118 -15.03 10.02 12.53
C PRO A 118 -14.57 8.62 12.13
N VAL A 119 -14.40 7.75 13.12
CA VAL A 119 -14.40 6.28 12.92
C VAL A 119 -15.86 5.86 12.64
N VAL A 120 -16.09 5.26 11.48
CA VAL A 120 -17.42 4.84 10.94
C VAL A 120 -17.56 3.33 11.20
N LEU A 121 -18.48 2.90 12.08
CA LEU A 121 -18.59 1.47 12.44
C LEU A 121 -19.37 0.77 11.34
N PRO A 122 -18.89 -0.36 10.80
CA PRO A 122 -19.69 -1.16 9.88
C PRO A 122 -20.80 -1.79 10.76
N ALA A 123 -22.01 -1.88 10.21
CA ALA A 123 -23.24 -2.30 10.92
C ALA A 123 -23.27 -3.82 11.04
N VAL A 124 -22.43 -4.40 11.91
CA VAL A 124 -22.27 -5.87 12.14
C VAL A 124 -22.92 -6.20 13.49
N PRO A 125 -24.26 -6.37 13.60
CA PRO A 125 -24.87 -6.89 14.83
C PRO A 125 -24.37 -8.32 15.16
N GLY A 126 -24.22 -8.58 16.46
CA GLY A 126 -23.48 -9.74 17.00
C GLY A 126 -21.96 -9.55 16.94
N ARG A 127 -21.47 -8.34 16.62
CA ARG A 127 -20.01 -8.04 16.51
C ARG A 127 -19.71 -6.66 17.11
N GLU A 128 -18.59 -6.54 17.81
CA GLU A 128 -18.13 -5.26 18.42
C GLU A 128 -16.93 -4.73 17.62
N VAL A 129 -16.76 -3.41 17.60
CA VAL A 129 -15.54 -2.73 17.11
C VAL A 129 -14.72 -2.29 18.33
N HIS A 130 -13.48 -2.77 18.43
CA HIS A 130 -12.58 -2.43 19.55
C HIS A 130 -11.59 -1.34 19.15
N HIS A 131 -11.21 -0.47 20.12
CA HIS A 131 -10.09 0.51 20.03
C HIS A 131 -8.77 -0.20 20.37
N GLU A 132 -7.68 0.29 19.80
CA GLU A 132 -6.29 -0.09 20.10
C GLU A 132 -5.42 1.18 20.00
N SER A 133 -4.88 1.66 21.11
CA SER A 133 -3.97 2.83 21.17
C SER A 133 -2.56 2.33 20.85
N GLU A 134 -1.89 3.00 19.93
CA GLU A 134 -0.53 2.59 19.48
C GLU A 134 0.33 3.84 19.19
N LEU A 135 1.61 3.71 19.52
CA LEU A 135 2.67 4.55 18.95
C LEU A 135 2.88 4.14 17.48
N ALA A 136 2.86 5.12 16.57
CA ALA A 136 3.26 4.94 15.16
C ALA A 136 4.69 5.46 15.00
N ILE A 137 5.53 4.68 14.31
CA ILE A 137 6.84 5.09 13.76
C ILE A 137 6.65 5.43 12.28
N ILE A 138 7.11 6.61 11.87
CA ILE A 138 7.17 7.07 10.47
C ILE A 138 8.61 6.86 9.98
N ILE A 139 8.78 6.01 8.97
CA ILE A 139 10.12 5.75 8.39
C ILE A 139 10.58 6.97 7.56
N GLY A 140 11.87 7.30 7.58
CA GLY A 140 12.46 8.46 6.90
C GLY A 140 13.37 8.11 5.73
N LYS A 141 13.63 6.85 5.46
CA LYS A 141 14.71 6.46 4.52
C LYS A 141 14.32 5.18 3.81
N THR A 142 14.59 5.07 2.52
CA THR A 142 14.58 3.79 1.77
C THR A 142 15.67 2.88 2.34
N CYS A 143 15.32 1.68 2.78
CA CYS A 143 16.24 0.87 3.61
C CYS A 143 15.79 -0.59 3.60
N ARG A 144 16.76 -1.49 3.64
CA ARG A 144 16.56 -2.95 3.72
C ARG A 144 17.55 -3.50 4.75
N SER A 145 17.17 -4.50 5.55
CA SER A 145 18.07 -5.23 6.47
C SER A 145 18.82 -4.24 7.37
N VAL A 146 18.09 -3.32 8.00
CA VAL A 146 18.67 -2.34 8.95
C VAL A 146 19.15 -3.11 10.17
N ALA A 147 20.41 -2.89 10.59
CA ALA A 147 20.96 -3.45 11.85
C ALA A 147 20.31 -2.72 13.02
N ARG A 148 20.06 -3.42 14.12
CA ARG A 148 19.57 -2.85 15.40
C ARG A 148 20.31 -1.54 15.71
N GLU A 149 21.64 -1.52 15.60
CA GLU A 149 22.46 -0.35 16.05
C GLU A 149 22.19 0.86 15.14
N ASP A 150 21.63 0.68 13.95
CA ASP A 150 21.49 1.76 12.93
C ASP A 150 20.05 2.32 12.92
N TRP A 151 19.19 1.88 13.84
CA TRP A 151 17.71 2.11 13.76
C TRP A 151 17.38 3.59 13.64
N LYS A 152 18.08 4.45 14.37
CA LYS A 152 17.78 5.92 14.45
C LYS A 152 18.03 6.59 13.09
N ASP A 153 18.87 6.02 12.24
CA ASP A 153 19.14 6.55 10.89
C ASP A 153 17.85 6.53 10.03
N VAL A 154 16.93 5.58 10.26
CA VAL A 154 15.77 5.35 9.33
C VAL A 154 14.45 5.82 9.95
N VAL A 155 14.47 6.41 11.15
CA VAL A 155 13.22 6.88 11.80
C VAL A 155 13.11 8.38 11.56
N PHE A 156 12.06 8.80 10.86
CA PHE A 156 11.74 10.23 10.67
C PHE A 156 11.08 10.81 11.93
N GLY A 157 10.09 10.12 12.50
CA GLY A 157 9.32 10.66 13.64
C GLY A 157 8.25 9.70 14.10
N TYR A 158 7.26 10.25 14.80
CA TYR A 158 6.27 9.48 15.60
C TYR A 158 4.92 10.17 15.51
N ALA A 159 3.86 9.38 15.63
CA ALA A 159 2.47 9.87 15.63
C ALA A 159 1.63 8.97 16.51
N CYS A 160 0.43 9.41 16.85
CA CYS A 160 -0.60 8.59 17.52
C CYS A 160 -1.33 7.81 16.44
N LEU A 161 -1.68 6.58 16.77
CA LEU A 161 -2.40 5.67 15.86
C LEU A 161 -3.47 4.90 16.65
N LEU A 162 -4.65 4.76 16.04
CA LEU A 162 -5.72 3.87 16.54
C LEU A 162 -5.83 2.68 15.58
N ASP A 163 -5.61 1.46 16.05
CA ASP A 163 -5.70 0.24 15.22
C ASP A 163 -7.06 -0.38 15.49
N MET A 164 -8.11 0.14 14.83
CA MET A 164 -9.52 -0.31 15.06
C MET A 164 -9.74 -1.68 14.43
N VAL A 165 -10.50 -2.55 15.08
CA VAL A 165 -10.74 -3.95 14.61
C VAL A 165 -12.17 -4.42 14.95
N VAL A 166 -12.83 -5.08 14.02
CA VAL A 166 -14.08 -5.86 14.28
C VAL A 166 -13.67 -7.16 15.01
N ARG A 167 -14.20 -7.39 16.20
CA ARG A 167 -13.71 -8.48 17.08
C ARG A 167 -14.23 -9.84 16.57
N GLY A 168 -13.31 -10.83 16.54
CA GLY A 168 -13.51 -12.26 16.24
C GLY A 168 -12.21 -13.03 16.36
N ARG A 172 -9.07 -12.54 10.93
CA ARG A 172 -9.26 -12.24 9.48
C ARG A 172 -8.72 -10.84 9.17
N VAL A 173 -7.87 -10.71 8.14
CA VAL A 173 -7.20 -9.44 7.72
C VAL A 173 -8.24 -8.37 7.45
N PHE A 174 -9.39 -8.78 6.91
CA PHE A 174 -10.46 -7.86 6.48
C PHE A 174 -11.03 -7.13 7.70
N ARG A 175 -10.96 -7.70 8.90
N ARG A 175 -10.97 -7.76 8.88
CA ARG A 175 -11.64 -7.09 10.07
CA ARG A 175 -11.48 -7.26 10.18
C ARG A 175 -10.73 -6.00 10.66
C ARG A 175 -10.78 -5.95 10.54
N LYS A 176 -9.52 -5.79 10.11
CA LYS A 176 -8.67 -4.62 10.42
C LYS A 176 -8.63 -3.65 9.23
N ALA A 177 -9.35 -3.96 8.15
CA ALA A 177 -9.14 -3.33 6.82
C ALA A 177 -10.17 -2.25 6.53
N TYR A 178 -11.20 -2.08 7.36
CA TYR A 178 -12.32 -1.16 7.04
C TYR A 178 -11.82 0.28 6.93
N ASP A 179 -12.48 1.07 6.09
CA ASP A 179 -12.19 2.52 5.96
C ASP A 179 -12.36 3.08 7.38
N THR A 180 -11.53 4.05 7.75
CA THR A 180 -11.50 4.76 9.05
C THR A 180 -10.93 3.87 10.15
N PHE A 181 -10.44 2.67 9.86
CA PHE A 181 -9.93 1.78 10.94
C PHE A 181 -8.46 2.04 11.26
N CYS A 182 -7.82 3.08 10.73
CA CYS A 182 -6.42 3.39 11.11
C CYS A 182 -6.26 4.89 11.22
N PRO A 183 -6.97 5.57 12.14
CA PRO A 183 -6.69 6.99 12.43
C PRO A 183 -5.21 7.18 12.78
N VAL A 184 -4.57 8.17 12.17
CA VAL A 184 -3.16 8.55 12.46
C VAL A 184 -3.08 10.05 12.51
N GLY A 185 -2.45 10.60 13.54
CA GLY A 185 -2.40 12.07 13.70
C GLY A 185 -2.01 12.45 15.12
N PRO A 186 -2.16 13.74 15.50
CA PRO A 186 -2.62 14.80 14.58
C PRO A 186 -1.53 15.40 13.68
N TRP A 187 -0.28 15.02 13.94
CA TRP A 187 0.90 15.53 13.20
C TRP A 187 2.00 14.46 13.33
N ILE A 188 3.11 14.60 12.61
CA ILE A 188 4.34 13.83 12.95
C ILE A 188 5.25 14.71 13.83
N THR A 189 5.66 14.19 14.97
CA THR A 189 6.75 14.76 15.77
C THR A 189 8.05 14.14 15.26
N THR A 190 8.94 14.96 14.69
CA THR A 190 10.29 14.55 14.22
C THR A 190 11.04 13.87 15.37
N ALA A 191 11.93 12.93 15.06
CA ALA A 191 12.57 12.00 16.01
C ALA A 191 13.48 12.77 16.97
N ASP A 192 14.12 13.85 16.51
CA ASP A 192 15.01 14.71 17.33
C ASP A 192 14.24 15.33 18.51
N ALA A 193 12.92 15.53 18.43
CA ALA A 193 12.13 16.20 19.49
C ALA A 193 11.62 15.19 20.50
N VAL A 194 11.97 13.92 20.40
CA VAL A 194 11.61 12.89 21.42
C VAL A 194 12.90 12.34 22.02
N ASN A 195 13.11 12.60 23.32
CA ASN A 195 14.30 12.18 24.11
C ASN A 195 14.55 10.70 23.85
N ASP A 196 13.60 9.84 24.24
CA ASP A 196 13.71 8.35 24.25
C ASP A 196 12.33 7.76 23.97
N PRO A 197 12.01 7.36 22.71
CA PRO A 197 10.70 6.77 22.39
C PRO A 197 10.38 5.47 23.15
N ALA A 198 11.38 4.91 23.85
CA ALA A 198 11.24 3.68 24.66
C ALA A 198 10.88 4.02 26.13
N THR A 199 10.43 5.24 26.45
CA THR A 199 10.03 5.66 27.82
C THR A 199 8.78 6.58 27.77
N LEU A 200 7.94 6.45 26.73
CA LEU A 200 6.75 7.30 26.53
C LEU A 200 5.55 6.67 27.22
N ASP A 201 4.87 7.48 28.03
CA ASP A 201 3.52 7.25 28.59
C ASP A 201 2.50 7.40 27.45
N MET A 202 1.56 6.45 27.39
CA MET A 202 0.42 6.46 26.43
C MET A 202 -0.89 6.21 27.20
N LYS A 203 -1.94 6.91 26.82
CA LYS A 203 -3.23 6.78 27.41
C LYS A 203 -4.36 6.93 26.42
N LEU A 204 -5.36 6.08 26.53
CA LEU A 204 -6.60 6.15 25.71
C LEU A 204 -7.84 6.21 26.61
N TRP A 205 -8.70 7.19 26.38
CA TRP A 205 -10.04 7.35 27.01
C TRP A 205 -11.09 7.00 25.95
N VAL A 206 -12.16 6.31 26.35
CA VAL A 206 -13.49 6.39 25.68
C VAL A 206 -14.40 7.22 26.57
N ASN A 207 -14.87 8.37 26.05
CA ASN A 207 -15.56 9.44 26.82
C ASN A 207 -14.67 9.73 28.04
N ASP A 208 -15.19 9.73 29.26
CA ASP A 208 -14.37 10.10 30.45
C ASP A 208 -13.72 8.83 31.02
N ASP A 209 -13.99 7.65 30.46
CA ASP A 209 -13.47 6.35 30.97
C ASP A 209 -12.06 6.12 30.41
N LEU A 210 -11.07 5.94 31.29
CA LEU A 210 -9.67 5.62 30.91
C LEU A 210 -9.58 4.11 30.69
N ARG A 211 -9.30 3.66 29.47
CA ARG A 211 -9.39 2.21 29.08
C ARG A 211 -7.99 1.63 28.96
N GLN A 212 -7.00 2.41 28.51
CA GLN A 212 -5.66 1.87 28.22
C GLN A 212 -4.62 2.85 28.74
N LYS A 213 -3.61 2.33 29.42
CA LYS A 213 -2.54 3.13 29.96
C LYS A 213 -1.32 2.26 29.97
N ALA A 214 -0.22 2.73 29.41
CA ALA A 214 1.03 1.94 29.44
C ALA A 214 2.23 2.83 29.17
N ASN A 215 3.39 2.20 29.16
CA ASN A 215 4.66 2.89 28.85
C ASN A 215 5.36 2.06 27.77
N THR A 216 5.97 2.73 26.78
CA THR A 216 6.64 2.06 25.63
C THR A 216 7.90 1.34 26.12
N ARG A 217 8.25 1.51 27.40
CA ARG A 217 9.27 0.65 28.06
C ARG A 217 8.74 -0.78 28.06
N ASP A 218 7.41 -0.97 28.05
CA ASP A 218 6.79 -2.31 28.19
C ASP A 218 6.69 -3.06 26.84
N LEU A 219 7.19 -2.48 25.74
CA LEU A 219 7.16 -3.15 24.40
C LEU A 219 7.90 -4.47 24.51
N VAL A 220 7.35 -5.53 23.95
CA VAL A 220 8.00 -6.87 23.97
C VAL A 220 9.10 -6.85 22.91
N LEU A 221 8.73 -6.70 21.64
CA LEU A 221 9.69 -6.45 20.54
C LEU A 221 9.88 -4.94 20.46
N ASP A 222 11.08 -4.45 20.75
CA ASP A 222 11.30 -2.99 20.93
C ASP A 222 11.43 -2.32 19.56
N ILE A 223 11.48 -0.98 19.56
CA ILE A 223 11.49 -0.16 18.32
C ILE A 223 12.60 -0.67 17.40
N PRO A 224 13.86 -0.82 17.86
CA PRO A 224 14.93 -1.28 16.97
C PRO A 224 14.63 -2.66 16.39
N GLY A 225 14.04 -3.53 17.21
CA GLY A 225 13.67 -4.89 16.80
C GLY A 225 12.55 -4.88 15.77
N MET A 226 11.55 -4.02 15.91
CA MET A 226 10.45 -3.93 14.93
C MET A 226 10.95 -3.42 13.57
N ILE A 227 11.92 -2.51 13.53
CA ILE A 227 12.47 -1.92 12.27
C ILE A 227 13.38 -2.96 11.62
N ALA A 228 14.13 -3.68 12.43
CA ALA A 228 15.10 -4.69 11.95
C ALA A 228 14.27 -5.83 11.35
N THR A 229 13.19 -6.24 12.02
CA THR A 229 12.31 -7.38 11.58
C THR A 229 11.62 -7.00 10.27
N ALA A 230 10.97 -5.85 10.22
CA ALA A 230 10.22 -5.38 9.04
C ALA A 230 11.16 -5.24 7.82
N SER A 231 12.30 -4.56 7.98
CA SER A 231 13.32 -4.28 6.93
C SER A 231 14.05 -5.55 6.47
N ALA A 232 14.05 -6.64 7.25
CA ALA A 232 14.65 -7.93 6.84
C ALA A 232 13.75 -8.57 5.77
N VAL A 233 12.45 -8.29 5.79
CA VAL A 233 11.51 -8.89 4.81
C VAL A 233 11.32 -7.90 3.64
N MET A 234 11.20 -6.62 3.90
CA MET A 234 10.69 -5.61 2.93
C MET A 234 11.63 -4.41 2.85
N THR A 235 11.81 -3.84 1.67
CA THR A 235 12.39 -2.47 1.58
C THR A 235 11.37 -1.52 2.21
N LEU A 236 11.78 -0.78 3.22
CA LEU A 236 10.95 0.32 3.77
C LEU A 236 11.19 1.57 2.93
N GLN A 237 10.23 2.50 3.00
CA GLN A 237 10.20 3.75 2.22
C GLN A 237 9.91 4.90 3.18
N PRO A 238 10.37 6.12 2.85
CA PRO A 238 9.93 7.32 3.53
C PRO A 238 8.40 7.31 3.53
N GLY A 239 7.78 7.62 4.68
CA GLY A 239 6.32 7.65 4.86
C GLY A 239 5.75 6.38 5.46
N ASP A 240 6.50 5.27 5.45
CA ASP A 240 5.95 3.98 5.93
C ASP A 240 5.56 4.16 7.40
N ILE A 241 4.42 3.58 7.78
CA ILE A 241 3.91 3.59 9.17
C ILE A 241 4.13 2.20 9.77
N ILE A 242 4.83 2.15 10.90
CA ILE A 242 4.89 0.96 11.79
C ILE A 242 4.07 1.25 13.06
N ALA A 243 2.96 0.52 13.19
CA ALA A 243 2.08 0.45 14.36
C ALA A 243 2.73 -0.50 15.37
N THR A 244 3.15 -0.02 16.54
CA THR A 244 4.09 -0.78 17.42
C THR A 244 3.36 -1.73 18.40
N GLY A 245 2.02 -1.77 18.39
CA GLY A 245 1.20 -2.64 19.25
C GLY A 245 0.37 -1.85 20.26
N THR A 246 -0.47 -2.54 21.02
CA THR A 246 -1.43 -1.95 21.99
C THR A 246 -1.28 -2.70 23.30
N PRO A 247 -1.44 -2.02 24.46
CA PRO A 247 -1.47 -2.75 25.73
C PRO A 247 -2.88 -3.30 26.06
N GLU A 248 -3.03 -3.87 27.25
CA GLU A 248 -4.34 -4.30 27.82
C GLU A 248 -5.35 -3.14 27.85
N GLY A 249 -6.63 -3.49 27.99
CA GLY A 249 -7.74 -2.52 28.04
C GLY A 249 -8.37 -2.26 26.69
N VAL A 250 -8.11 -3.14 25.71
CA VAL A 250 -8.79 -3.14 24.38
C VAL A 250 -10.26 -3.43 24.66
N GLY A 251 -11.16 -2.57 24.18
CA GLY A 251 -12.60 -2.71 24.42
C GLY A 251 -13.45 -1.98 23.40
N PRO A 252 -14.78 -2.13 23.50
CA PRO A 252 -15.70 -1.66 22.47
C PRO A 252 -15.94 -0.15 22.44
N VAL A 253 -16.35 0.32 21.26
CA VAL A 253 -16.84 1.69 20.97
C VAL A 253 -18.19 1.53 20.23
N VAL A 254 -19.11 2.47 20.46
CA VAL A 254 -20.50 2.57 19.90
C VAL A 254 -20.70 4.01 19.40
N ASP A 255 -21.70 4.19 18.54
CA ASP A 255 -22.23 5.49 18.06
C ASP A 255 -22.20 6.49 19.22
N GLY A 256 -21.67 7.70 18.97
CA GLY A 256 -21.61 8.81 19.94
C GLY A 256 -20.38 8.79 20.84
N ASP A 257 -19.63 7.69 20.93
CA ASP A 257 -18.35 7.70 21.69
C ASP A 257 -17.34 8.69 21.10
N ARG A 258 -16.46 9.20 21.96
CA ARG A 258 -15.28 10.03 21.62
C ARG A 258 -14.06 9.25 22.10
N ILE A 259 -13.14 8.91 21.22
CA ILE A 259 -11.86 8.23 21.60
C ILE A 259 -10.80 9.33 21.66
N ARG A 260 -10.10 9.42 22.80
CA ARG A 260 -8.96 10.34 23.03
C ARG A 260 -7.70 9.50 23.18
N ILE A 261 -6.63 9.87 22.47
CA ILE A 261 -5.30 9.22 22.68
C ILE A 261 -4.29 10.34 22.88
N VAL A 262 -3.42 10.16 23.87
CA VAL A 262 -2.31 11.09 24.20
C VAL A 262 -1.09 10.21 24.32
N ILE A 263 -0.01 10.55 23.62
CA ILE A 263 1.30 9.86 23.84
C ILE A 263 2.25 10.98 24.21
N ASP A 264 2.90 10.85 25.36
CA ASP A 264 3.80 11.89 25.94
C ASP A 264 4.88 12.25 24.89
N GLN A 265 5.08 13.54 24.62
CA GLN A 265 6.13 14.08 23.72
C GLN A 265 5.77 13.84 22.25
N VAL A 266 4.77 13.01 21.91
CA VAL A 266 4.41 12.71 20.49
C VAL A 266 3.18 13.51 20.08
N GLY A 267 2.11 13.45 20.84
CA GLY A 267 0.93 14.26 20.52
C GLY A 267 -0.32 13.68 21.12
N GLU A 268 -1.45 14.23 20.73
CA GLU A 268 -2.76 13.92 21.34
C GLU A 268 -3.82 14.07 20.25
N MET A 269 -4.76 13.14 20.14
CA MET A 269 -5.94 13.40 19.27
C MET A 269 -7.19 12.69 19.79
N ALA A 270 -8.32 13.23 19.34
CA ALA A 270 -9.69 12.80 19.68
C ALA A 270 -10.51 12.66 18.39
N VAL A 271 -11.22 11.54 18.28
CA VAL A 271 -12.08 11.24 17.11
C VAL A 271 -13.46 10.81 17.64
N ASP A 272 -14.51 11.22 16.93
CA ASP A 272 -15.90 10.73 17.18
C ASP A 272 -16.07 9.35 16.54
N VAL A 273 -17.00 8.58 17.10
CA VAL A 273 -17.45 7.28 16.55
C VAL A 273 -18.90 7.45 16.09
N VAL A 274 -19.16 7.13 14.83
CA VAL A 274 -20.49 7.24 14.17
C VAL A 274 -20.84 5.85 13.61
N GLN A 275 -22.11 5.44 13.74
CA GLN A 275 -22.64 4.20 13.13
C GLN A 275 -22.76 4.45 11.62
N GLY A 276 -22.36 3.48 10.79
CA GLY A 276 -22.47 3.57 9.32
C GLY A 276 -23.87 3.24 8.81
N GLN A 277 -24.29 3.95 7.74
CA GLN A 277 -25.60 3.84 7.02
C GLN A 277 -25.41 3.07 5.71
N MET B 1 -5.87 -2.24 -25.55
CA MET B 1 -4.60 -1.51 -25.56
C MET B 1 -3.71 -2.08 -24.45
N ARG B 2 -2.39 -2.09 -24.69
CA ARG B 2 -1.36 -2.61 -23.75
C ARG B 2 -0.52 -1.42 -23.29
N LEU B 3 -0.66 -1.04 -22.01
CA LEU B 3 0.09 0.08 -21.37
C LEU B 3 1.22 -0.48 -20.49
N ALA B 4 2.40 0.10 -20.66
CA ALA B 4 3.68 -0.39 -20.10
C ALA B 4 4.42 0.79 -19.47
N ARG B 5 5.16 0.52 -18.40
CA ARG B 5 6.32 1.36 -17.97
C ARG B 5 7.62 0.70 -18.47
N PHE B 6 8.64 1.50 -18.77
CA PHE B 6 9.95 1.05 -19.28
C PHE B 6 11.00 2.14 -19.04
N ASP B 7 12.27 1.76 -19.01
CA ASP B 7 13.45 2.67 -19.01
C ASP B 7 13.25 3.77 -17.99
N GLY B 8 13.00 3.38 -16.74
CA GLY B 8 12.86 4.28 -15.58
C GLY B 8 11.59 5.13 -15.61
N GLY B 9 10.44 4.53 -15.88
CA GLY B 9 9.13 5.16 -15.60
C GLY B 9 8.61 5.93 -16.79
N ARG B 10 9.16 5.67 -17.97
CA ARG B 10 8.56 6.11 -19.26
C ARG B 10 7.27 5.30 -19.49
N LEU B 11 6.22 5.92 -20.01
CA LEU B 11 4.93 5.26 -20.33
C LEU B 11 4.88 4.93 -21.81
N GLY B 12 4.41 3.73 -22.15
CA GLY B 12 4.34 3.30 -23.55
C GLY B 12 3.08 2.54 -23.88
N VAL B 13 2.73 2.51 -25.17
CA VAL B 13 1.72 1.58 -25.74
C VAL B 13 2.48 0.48 -26.48
N VAL B 14 2.17 -0.78 -26.18
CA VAL B 14 2.84 -1.94 -26.84
C VAL B 14 2.02 -2.31 -28.08
N ILE B 15 2.69 -2.22 -29.24
CA ILE B 15 2.19 -2.48 -30.63
C ILE B 15 3.01 -3.65 -31.17
N GLY B 16 2.41 -4.83 -31.30
CA GLY B 16 3.16 -6.03 -31.74
C GLY B 16 4.42 -6.19 -30.91
N ASP B 17 5.60 -6.07 -31.55
CA ASP B 17 6.94 -6.36 -30.97
C ASP B 17 7.64 -5.05 -30.63
N GLU B 18 6.91 -3.94 -30.69
CA GLU B 18 7.45 -2.58 -30.49
C GLU B 18 6.67 -1.89 -29.37
N ILE B 19 7.20 -0.76 -28.92
CA ILE B 19 6.48 0.11 -27.97
C ILE B 19 6.60 1.56 -28.47
N ALA B 20 5.56 2.34 -28.27
CA ALA B 20 5.52 3.77 -28.59
C ALA B 20 5.43 4.55 -27.27
N ASP B 21 6.37 5.49 -27.09
CA ASP B 21 6.52 6.37 -25.91
C ASP B 21 5.40 7.42 -25.90
N ILE B 22 4.57 7.43 -24.86
CA ILE B 22 3.38 8.33 -24.73
C ILE B 22 3.58 9.22 -23.51
N THR B 23 4.82 9.29 -23.01
CA THR B 23 5.17 10.06 -21.80
C THR B 23 4.77 11.52 -21.96
N ALA B 24 5.29 12.23 -22.98
CA ALA B 24 5.02 13.66 -23.23
C ALA B 24 3.50 13.88 -23.44
N LEU B 25 2.84 13.11 -24.30
CA LEU B 25 1.41 13.44 -24.63
C LEU B 25 0.51 13.25 -23.40
N THR B 26 0.88 12.39 -22.44
CA THR B 26 0.09 12.15 -21.22
C THR B 26 0.48 13.15 -20.12
N GLY B 27 1.57 13.92 -20.28
CA GLY B 27 2.09 14.84 -19.26
C GLY B 27 2.66 14.09 -18.06
N ALA B 28 3.11 12.85 -18.24
CA ALA B 28 3.81 12.03 -17.22
C ALA B 28 5.20 12.62 -16.99
N ASP B 29 5.75 12.52 -15.78
CA ASP B 29 7.14 12.93 -15.45
C ASP B 29 7.90 11.70 -15.00
N PRO B 30 8.79 11.11 -15.83
CA PRO B 30 9.52 9.90 -15.43
C PRO B 30 10.42 10.07 -14.20
N ALA B 31 10.83 11.32 -13.87
CA ALA B 31 11.70 11.71 -12.72
C ALA B 31 10.92 11.82 -11.40
N GLN B 32 9.59 11.89 -11.47
CA GLN B 32 8.70 11.99 -10.30
C GLN B 32 8.93 10.83 -9.31
N TRP B 33 9.02 11.17 -8.03
CA TRP B 33 9.14 10.20 -6.91
C TRP B 33 8.24 10.64 -5.77
N PRO B 34 7.38 9.76 -5.21
CA PRO B 34 7.04 8.46 -5.79
C PRO B 34 6.41 8.49 -7.19
N ASP B 35 6.64 7.45 -7.99
CA ASP B 35 6.18 7.35 -9.40
C ASP B 35 4.70 6.92 -9.41
N MET B 36 3.80 7.88 -9.63
CA MET B 36 2.33 7.66 -9.70
C MET B 36 1.76 7.97 -11.09
N ASN B 37 2.57 7.90 -12.15
CA ASN B 37 2.20 8.33 -13.53
C ASN B 37 1.13 7.41 -14.11
N MET B 38 1.29 6.10 -13.93
CA MET B 38 0.32 5.12 -14.44
C MET B 38 -1.00 5.21 -13.67
N ILE B 39 -0.96 5.48 -12.38
CA ILE B 39 -2.19 5.70 -11.59
C ILE B 39 -2.95 6.89 -12.19
N ARG B 40 -2.27 7.99 -12.50
CA ARG B 40 -2.93 9.19 -13.09
C ARG B 40 -3.43 8.85 -14.49
N LEU B 41 -2.63 8.18 -15.32
CA LEU B 41 -3.07 7.75 -16.68
C LEU B 41 -4.36 6.92 -16.55
N ILE B 42 -4.41 5.98 -15.59
CA ILE B 42 -5.57 5.07 -15.36
C ILE B 42 -6.79 5.90 -14.96
N ARG B 43 -6.67 6.80 -13.98
N ARG B 43 -6.64 6.77 -13.97
CA ARG B 43 -7.79 7.69 -13.53
CA ARG B 43 -7.68 7.72 -13.53
C ARG B 43 -8.36 8.46 -14.74
C ARG B 43 -8.32 8.40 -14.75
N ASP B 44 -7.50 9.01 -15.60
CA ASP B 44 -7.88 9.91 -16.73
C ASP B 44 -8.00 9.17 -18.07
N PHE B 45 -7.99 7.84 -18.10
CA PHE B 45 -7.78 7.09 -19.36
C PHE B 45 -8.92 7.34 -20.37
N GLU B 46 -10.17 7.44 -19.92
CA GLU B 46 -11.31 7.54 -20.87
C GLU B 46 -11.24 8.92 -21.53
N GLY B 47 -10.62 9.89 -20.86
CA GLY B 47 -10.37 11.20 -21.50
C GLY B 47 -9.12 11.25 -22.36
N LEU B 48 -8.18 10.29 -22.29
CA LEU B 48 -6.86 10.36 -22.98
C LEU B 48 -6.70 9.22 -24.00
N ARG B 49 -7.66 8.30 -24.07
N ARG B 49 -7.65 8.29 -24.04
CA ARG B 49 -7.57 7.12 -24.97
CA ARG B 49 -7.63 7.12 -24.95
C ARG B 49 -7.53 7.63 -26.42
C ARG B 49 -7.53 7.65 -26.39
N GLY B 50 -8.44 8.57 -26.75
CA GLY B 50 -8.54 9.21 -28.07
C GLY B 50 -7.24 9.87 -28.46
N ALA B 51 -6.69 10.67 -27.54
CA ALA B 51 -5.40 11.37 -27.73
C ALA B 51 -4.30 10.36 -28.07
N ILE B 52 -4.26 9.21 -27.39
CA ILE B 52 -3.18 8.20 -27.61
C ILE B 52 -3.41 7.60 -29.00
N GLU B 53 -4.63 7.16 -29.32
CA GLU B 53 -4.97 6.55 -30.62
C GLU B 53 -4.58 7.51 -31.76
N ALA B 54 -4.99 8.77 -31.67
CA ALA B 54 -4.68 9.81 -32.68
C ALA B 54 -3.16 9.98 -32.87
N ALA B 55 -2.35 9.89 -31.81
CA ALA B 55 -0.92 10.18 -31.89
C ALA B 55 -0.15 8.98 -32.46
N LEU B 56 -0.66 7.76 -32.32
CA LEU B 56 0.14 6.52 -32.56
C LEU B 56 0.82 6.62 -33.92
N PRO B 57 0.08 6.96 -35.00
CA PRO B 57 0.69 7.06 -36.33
C PRO B 57 1.94 7.96 -36.41
N GLY B 58 2.03 8.98 -35.54
CA GLY B 58 3.12 9.97 -35.47
C GLY B 58 4.30 9.55 -34.60
N LEU B 59 4.14 8.53 -33.73
CA LEU B 59 5.18 8.21 -32.69
C LEU B 59 6.16 7.18 -33.21
N ALA B 60 7.44 7.42 -32.95
CA ALA B 60 8.56 6.50 -33.21
C ALA B 60 8.32 5.24 -32.36
N ARG B 61 8.64 4.08 -32.94
CA ARG B 61 8.34 2.75 -32.37
C ARG B 61 9.66 2.05 -32.08
N ILE B 62 9.97 1.85 -30.79
CA ILE B 62 11.20 1.15 -30.30
C ILE B 62 10.90 -0.34 -30.22
N PRO B 63 11.75 -1.22 -30.77
CA PRO B 63 11.59 -2.66 -30.57
C PRO B 63 11.60 -3.00 -29.07
N LEU B 64 10.67 -3.83 -28.63
CA LEU B 64 10.61 -4.32 -27.24
C LEU B 64 11.97 -4.87 -26.80
N ALA B 65 12.72 -5.53 -27.69
CA ALA B 65 14.01 -6.18 -27.34
C ALA B 65 14.99 -5.12 -26.82
N GLN B 66 14.79 -3.84 -27.17
CA GLN B 66 15.73 -2.72 -26.89
C GLN B 66 15.29 -1.89 -25.69
N VAL B 67 14.24 -2.28 -24.96
CA VAL B 67 13.84 -1.54 -23.72
C VAL B 67 13.80 -2.55 -22.57
N SER B 68 13.77 -2.03 -21.34
CA SER B 68 13.51 -2.79 -20.08
C SER B 68 12.12 -2.44 -19.57
N LEU B 69 11.15 -3.31 -19.81
CA LEU B 69 9.78 -3.21 -19.25
C LEU B 69 9.87 -3.29 -17.72
N GLU B 70 9.06 -2.48 -17.02
CA GLU B 70 9.00 -2.39 -15.54
C GLU B 70 7.59 -2.81 -15.08
N THR B 71 7.38 -3.00 -13.79
CA THR B 71 6.04 -3.24 -13.20
C THR B 71 5.19 -2.01 -13.55
N PRO B 72 3.97 -2.21 -14.09
CA PRO B 72 3.17 -1.09 -14.62
C PRO B 72 2.69 -0.13 -13.51
N VAL B 73 2.46 -0.61 -12.28
CA VAL B 73 2.00 0.25 -11.15
C VAL B 73 2.91 0.00 -9.95
N PRO B 74 3.98 0.80 -9.75
CA PRO B 74 4.97 0.51 -8.73
C PRO B 74 4.58 0.85 -7.28
N TRP B 75 3.52 1.62 -7.05
CA TRP B 75 3.15 2.05 -5.67
C TRP B 75 1.63 2.18 -5.59
N PRO B 76 0.92 1.04 -5.67
CA PRO B 76 -0.53 1.04 -5.66
C PRO B 76 -0.96 1.40 -4.22
N ASN B 77 -2.22 1.83 -4.04
CA ASN B 77 -2.74 2.10 -2.69
C ASN B 77 -2.77 0.75 -1.92
N LYS B 78 -3.03 -0.37 -2.62
CA LYS B 78 -3.06 -1.71 -2.00
C LYS B 78 -2.98 -2.82 -3.06
N ILE B 79 -2.61 -4.00 -2.59
CA ILE B 79 -2.63 -5.28 -3.34
C ILE B 79 -3.42 -6.28 -2.53
N ILE B 80 -4.54 -6.70 -3.09
CA ILE B 80 -5.54 -7.56 -2.43
C ILE B 80 -5.47 -8.90 -3.13
N ALA B 81 -5.23 -9.96 -2.36
CA ALA B 81 -5.03 -11.31 -2.90
C ALA B 81 -6.09 -12.23 -2.27
N TYR B 82 -6.66 -13.08 -3.11
CA TYR B 82 -7.69 -14.05 -2.71
C TYR B 82 -7.00 -15.39 -2.62
N PRO B 83 -7.11 -16.08 -1.47
CA PRO B 83 -6.43 -17.35 -1.27
C PRO B 83 -7.20 -18.49 -1.96
N VAL B 84 -6.44 -19.44 -2.51
CA VAL B 84 -6.97 -20.67 -3.22
C VAL B 84 -7.79 -20.05 -4.33
N ASN B 85 -9.09 -20.32 -4.40
CA ASN B 85 -10.15 -19.67 -5.27
C ASN B 85 -10.26 -20.30 -6.66
N TYR B 86 -9.74 -21.51 -6.87
CA TYR B 86 -10.02 -22.33 -8.09
C TYR B 86 -10.64 -23.67 -7.69
N HIS B 87 -11.63 -24.12 -8.45
CA HIS B 87 -12.15 -25.52 -8.43
C HIS B 87 -11.04 -26.45 -8.92
N ALA B 88 -10.74 -27.51 -8.16
CA ALA B 88 -9.77 -28.56 -8.53
C ALA B 88 -10.28 -29.32 -9.76
N HIS B 89 -11.61 -29.45 -9.90
CA HIS B 89 -12.31 -30.16 -11.01
C HIS B 89 -12.74 -29.15 -12.10
N GLY B 90 -11.99 -29.12 -13.21
CA GLY B 90 -12.30 -28.34 -14.42
C GLY B 90 -12.76 -29.25 -15.55
N ASN B 101 -10.28 -20.71 4.72
CA ASN B 101 -9.26 -19.64 4.69
C ASN B 101 -9.81 -18.39 5.40
N GLN B 102 -8.97 -17.36 5.56
CA GLN B 102 -9.26 -16.15 6.38
C GLN B 102 -9.69 -14.97 5.48
N GLY B 103 -10.33 -15.24 4.33
CA GLY B 103 -10.77 -14.21 3.37
C GLY B 103 -9.56 -13.59 2.66
N PHE B 104 -9.71 -12.41 2.07
CA PHE B 104 -8.62 -11.82 1.28
C PHE B 104 -7.46 -11.41 2.18
N PHE B 105 -6.26 -11.31 1.63
CA PHE B 105 -5.11 -10.75 2.36
C PHE B 105 -4.50 -9.64 1.50
N LEU B 106 -3.49 -8.97 2.05
CA LEU B 106 -2.81 -7.79 1.48
C LEU B 106 -1.35 -8.17 1.26
N LYS B 107 -0.79 -7.78 0.11
CA LYS B 107 0.65 -7.87 -0.21
C LYS B 107 1.21 -6.46 -0.10
N PRO B 108 2.45 -6.29 0.41
CA PRO B 108 3.03 -4.96 0.46
C PRO B 108 3.38 -4.54 -0.97
N GLY B 109 3.28 -3.25 -1.29
CA GLY B 109 3.71 -2.70 -2.59
C GLY B 109 5.19 -2.92 -2.81
N SER B 110 5.96 -2.99 -1.73
CA SER B 110 7.42 -3.22 -1.71
C SER B 110 7.75 -4.56 -2.39
N ALA B 111 6.81 -5.51 -2.43
CA ALA B 111 6.99 -6.85 -3.00
C ALA B 111 6.92 -6.82 -4.54
N LEU B 112 6.43 -5.73 -5.13
CA LEU B 112 6.18 -5.65 -6.59
C LEU B 112 7.52 -5.77 -7.29
N SER B 113 7.50 -6.44 -8.43
CA SER B 113 8.67 -6.71 -9.31
C SER B 113 8.24 -6.63 -10.77
N GLY B 114 9.16 -6.29 -11.67
CA GLY B 114 8.85 -6.20 -13.09
C GLY B 114 9.22 -7.47 -13.85
N PRO B 115 8.85 -7.52 -15.15
CA PRO B 115 9.12 -8.68 -15.99
C PRO B 115 10.59 -8.93 -16.36
N THR B 116 11.52 -8.00 -16.10
CA THR B 116 12.98 -8.21 -16.35
C THR B 116 13.73 -8.34 -15.03
N ASP B 117 13.04 -8.26 -13.87
CA ASP B 117 13.65 -8.38 -12.53
C ASP B 117 13.62 -9.83 -12.12
N PRO B 118 14.67 -10.34 -11.44
CA PRO B 118 14.63 -11.68 -10.86
C PRO B 118 13.80 -11.73 -9.58
N VAL B 119 13.18 -12.87 -9.35
CA VAL B 119 12.74 -13.29 -8.00
C VAL B 119 14.01 -13.68 -7.24
N VAL B 120 14.25 -13.03 -6.10
CA VAL B 120 15.38 -13.24 -5.17
C VAL B 120 14.88 -14.15 -4.04
N LEU B 121 15.35 -15.40 -3.98
CA LEU B 121 15.00 -16.37 -2.89
C LEU B 121 15.67 -15.95 -1.59
N PRO B 122 14.91 -15.72 -0.51
CA PRO B 122 15.54 -15.58 0.81
C PRO B 122 16.16 -16.95 1.16
N ALA B 123 17.34 -16.97 1.79
CA ALA B 123 18.10 -18.19 2.15
C ALA B 123 17.48 -18.85 3.39
N VAL B 124 16.55 -19.78 3.21
CA VAL B 124 15.80 -20.46 4.31
C VAL B 124 16.05 -21.97 4.22
N PRO B 125 17.19 -22.50 4.75
CA PRO B 125 17.40 -23.95 4.82
C PRO B 125 16.22 -24.59 5.57
N GLY B 126 15.63 -25.65 5.00
CA GLY B 126 14.42 -26.30 5.53
C GLY B 126 13.15 -25.82 4.82
N ARG B 127 13.19 -24.69 4.10
CA ARG B 127 11.97 -24.11 3.49
C ARG B 127 12.16 -23.91 1.98
N GLU B 128 11.06 -24.04 1.25
CA GLU B 128 10.93 -23.84 -0.21
C GLU B 128 10.13 -22.55 -0.49
N VAL B 129 10.45 -21.87 -1.59
CA VAL B 129 9.68 -20.76 -2.19
C VAL B 129 8.82 -21.37 -3.30
N HIS B 130 7.50 -21.17 -3.23
CA HIS B 130 6.54 -21.70 -4.24
C HIS B 130 6.07 -20.59 -5.18
N HIS B 131 5.84 -20.92 -6.46
CA HIS B 131 5.14 -20.06 -7.45
C HIS B 131 3.62 -20.17 -7.26
N GLU B 132 2.91 -19.11 -7.61
CA GLU B 132 1.43 -19.09 -7.75
C GLU B 132 1.09 -18.18 -8.95
N SER B 133 0.59 -18.77 -10.05
CA SER B 133 0.18 -18.06 -11.28
C SER B 133 -1.20 -17.47 -11.01
N GLU B 134 -1.41 -16.19 -11.26
CA GLU B 134 -2.73 -15.55 -11.02
C GLU B 134 -2.97 -14.50 -12.08
N LEU B 135 -4.24 -14.32 -12.40
CA LEU B 135 -4.77 -13.13 -13.11
C LEU B 135 -4.85 -11.99 -12.10
N ALA B 136 -4.32 -10.82 -12.47
CA ALA B 136 -4.46 -9.56 -11.72
C ALA B 136 -5.54 -8.69 -12.40
N ILE B 137 -6.48 -8.17 -11.59
CA ILE B 137 -7.40 -7.07 -11.97
C ILE B 137 -6.75 -5.77 -11.52
N ILE B 138 -6.72 -4.79 -12.42
CA ILE B 138 -6.29 -3.39 -12.14
C ILE B 138 -7.56 -2.56 -12.02
N ILE B 139 -7.79 -1.89 -10.89
CA ILE B 139 -8.99 -1.06 -10.65
C ILE B 139 -8.80 0.28 -11.41
N GLY B 140 -9.88 0.80 -12.00
CA GLY B 140 -9.84 2.03 -12.82
C GLY B 140 -10.47 3.22 -12.12
N LYS B 141 -11.13 3.02 -10.97
CA LYS B 141 -11.99 4.08 -10.37
C LYS B 141 -11.89 4.08 -8.85
N THR B 142 -11.96 5.26 -8.24
CA THR B 142 -12.23 5.37 -6.77
C THR B 142 -13.65 4.88 -6.52
N CYS B 143 -13.87 3.90 -5.63
CA CYS B 143 -15.20 3.26 -5.51
C CYS B 143 -15.29 2.51 -4.17
N ARG B 144 -16.50 2.41 -3.65
CA ARG B 144 -16.81 1.75 -2.37
C ARG B 144 -18.11 0.98 -2.56
N SER B 145 -18.25 -0.24 -2.03
CA SER B 145 -19.55 -0.96 -1.96
C SER B 145 -20.12 -1.11 -3.36
N VAL B 146 -19.34 -1.68 -4.27
CA VAL B 146 -19.71 -1.88 -5.70
C VAL B 146 -20.65 -3.08 -5.75
N ALA B 147 -21.80 -2.94 -6.40
CA ALA B 147 -22.75 -4.04 -6.60
C ALA B 147 -22.10 -4.97 -7.63
N ARG B 148 -22.23 -6.30 -7.44
CA ARG B 148 -21.81 -7.35 -8.41
C ARG B 148 -22.10 -6.87 -9.84
N GLU B 149 -23.29 -6.33 -10.07
CA GLU B 149 -23.80 -6.01 -11.43
C GLU B 149 -23.06 -4.79 -12.03
N ASP B 150 -22.38 -3.97 -11.23
CA ASP B 150 -21.62 -2.78 -11.74
C ASP B 150 -20.10 -3.09 -11.86
N TRP B 151 -19.67 -4.34 -11.71
CA TRP B 151 -18.21 -4.67 -11.62
C TRP B 151 -17.44 -4.01 -12.78
N LYS B 152 -18.01 -4.00 -13.99
CA LYS B 152 -17.33 -3.57 -15.24
C LYS B 152 -16.98 -2.09 -15.18
N ASP B 153 -17.73 -1.29 -14.41
CA ASP B 153 -17.53 0.18 -14.29
C ASP B 153 -16.17 0.46 -13.60
N VAL B 154 -15.65 -0.46 -12.76
CA VAL B 154 -14.47 -0.12 -11.92
C VAL B 154 -13.23 -0.89 -12.36
N VAL B 155 -13.31 -1.67 -13.43
CA VAL B 155 -12.14 -2.47 -13.88
C VAL B 155 -11.43 -1.75 -15.02
N PHE B 156 -10.20 -1.33 -14.81
CA PHE B 156 -9.37 -0.76 -15.90
C PHE B 156 -8.85 -1.84 -16.86
N GLY B 157 -8.39 -2.96 -16.34
CA GLY B 157 -7.72 -3.99 -17.13
C GLY B 157 -7.10 -5.08 -16.28
N TYR B 158 -6.15 -5.80 -16.86
CA TYR B 158 -5.66 -7.11 -16.41
C TYR B 158 -4.16 -7.19 -16.66
N ALA B 159 -3.48 -7.93 -15.81
CA ALA B 159 -2.04 -8.26 -15.95
C ALA B 159 -1.84 -9.66 -15.39
N CYS B 160 -0.65 -10.20 -15.65
CA CYS B 160 -0.12 -11.46 -15.09
C CYS B 160 0.55 -11.13 -13.75
N LEU B 161 0.38 -12.02 -12.79
CA LEU B 161 0.91 -11.85 -11.43
C LEU B 161 1.41 -13.20 -10.93
N LEU B 162 2.56 -13.17 -10.26
CA LEU B 162 3.15 -14.32 -9.55
C LEU B 162 3.09 -14.00 -8.05
N ASP B 163 2.36 -14.80 -7.29
CA ASP B 163 2.15 -14.59 -5.84
C ASP B 163 3.10 -15.55 -5.10
N MET B 164 4.37 -15.19 -5.00
CA MET B 164 5.43 -16.09 -4.47
C MET B 164 5.25 -16.22 -2.96
N VAL B 165 5.59 -17.36 -2.37
CA VAL B 165 5.41 -17.57 -0.91
C VAL B 165 6.49 -18.54 -0.41
N VAL B 166 6.95 -18.27 0.80
CA VAL B 166 7.73 -19.20 1.66
C VAL B 166 6.64 -20.01 2.36
N ARG B 167 6.72 -21.30 2.15
CA ARG B 167 5.80 -22.31 2.62
C ARG B 167 5.97 -22.68 4.08
N GLY B 168 4.87 -22.97 4.76
CA GLY B 168 4.87 -23.32 6.19
C GLY B 168 3.52 -23.87 6.61
N ARG B 172 1.15 -17.06 7.71
CA ARG B 172 2.02 -15.95 8.20
C ARG B 172 2.22 -14.94 7.07
N VAL B 173 1.82 -13.68 7.31
CA VAL B 173 1.88 -12.55 6.33
C VAL B 173 3.31 -12.33 5.82
N PHE B 174 4.31 -12.34 6.71
CA PHE B 174 5.72 -12.09 6.35
C PHE B 174 6.12 -13.05 5.21
N ARG B 175 5.55 -14.25 5.14
CA ARG B 175 5.92 -15.30 4.16
C ARG B 175 5.55 -14.91 2.72
N LYS B 176 4.62 -13.97 2.52
CA LYS B 176 4.19 -13.49 1.17
C LYS B 176 4.79 -12.11 0.89
N ALA B 177 5.59 -11.55 1.82
CA ALA B 177 5.94 -10.11 1.84
C ALA B 177 7.37 -9.82 1.39
N TYR B 178 8.26 -10.81 1.23
CA TYR B 178 9.68 -10.59 0.83
C TYR B 178 9.70 -9.78 -0.49
N ASP B 179 10.69 -8.90 -0.65
CA ASP B 179 10.96 -8.19 -1.93
C ASP B 179 10.97 -9.20 -3.08
N THR B 180 10.35 -8.84 -4.21
CA THR B 180 10.25 -9.62 -5.49
C THR B 180 9.22 -10.75 -5.39
N PHE B 181 8.43 -10.82 -4.32
N PHE B 181 8.43 -10.82 -4.31
CA PHE B 181 7.44 -11.91 -4.15
CA PHE B 181 7.44 -11.90 -4.13
C PHE B 181 6.09 -11.49 -4.73
C PHE B 181 6.17 -11.61 -4.90
N CYS B 182 6.05 -10.45 -5.57
CA CYS B 182 4.82 -10.10 -6.35
C CYS B 182 5.20 -9.52 -7.72
N PRO B 183 5.83 -10.32 -8.62
CA PRO B 183 5.99 -9.90 -10.02
C PRO B 183 4.64 -9.60 -10.66
N VAL B 184 4.57 -8.49 -11.40
CA VAL B 184 3.35 -8.07 -12.13
C VAL B 184 3.81 -7.48 -13.45
N GLY B 185 3.20 -7.91 -14.54
CA GLY B 185 3.55 -7.36 -15.85
C GLY B 185 3.10 -8.31 -16.95
N PRO B 186 3.63 -8.16 -18.19
CA PRO B 186 4.63 -7.13 -18.51
C PRO B 186 4.01 -5.77 -18.86
N TRP B 187 2.68 -5.68 -18.89
CA TRP B 187 1.92 -4.47 -19.24
C TRP B 187 0.50 -4.62 -18.66
N ILE B 188 -0.33 -3.59 -18.76
CA ILE B 188 -1.78 -3.74 -18.48
C ILE B 188 -2.49 -3.84 -19.82
N THR B 189 -3.33 -4.87 -19.96
CA THR B 189 -4.25 -5.01 -21.10
C THR B 189 -5.57 -4.42 -20.65
N THR B 190 -6.05 -3.38 -21.33
CA THR B 190 -7.30 -2.66 -21.01
C THR B 190 -8.48 -3.63 -21.15
N ALA B 191 -9.51 -3.45 -20.31
CA ALA B 191 -10.67 -4.35 -20.15
C ALA B 191 -11.44 -4.47 -21.49
N ASP B 192 -11.49 -3.43 -22.32
CA ASP B 192 -12.18 -3.47 -23.65
C ASP B 192 -11.47 -4.46 -24.58
N ALA B 193 -10.18 -4.79 -24.38
CA ALA B 193 -9.42 -5.71 -25.25
C ALA B 193 -9.57 -7.16 -24.77
N VAL B 194 -10.28 -7.45 -23.67
CA VAL B 194 -10.54 -8.86 -23.23
C VAL B 194 -12.03 -9.12 -23.39
N ASN B 195 -12.45 -10.01 -24.30
CA ASN B 195 -13.91 -10.19 -24.57
C ASN B 195 -14.57 -10.66 -23.25
N ASP B 196 -14.08 -11.75 -22.63
CA ASP B 196 -14.67 -12.24 -21.35
C ASP B 196 -13.56 -12.73 -20.41
N PRO B 197 -13.28 -11.99 -19.31
CA PRO B 197 -12.18 -12.37 -18.41
C PRO B 197 -12.49 -13.64 -17.61
N ALA B 198 -13.75 -14.08 -17.59
CA ALA B 198 -14.18 -15.32 -16.92
C ALA B 198 -13.96 -16.56 -17.82
N THR B 199 -13.37 -16.44 -19.02
CA THR B 199 -13.12 -17.59 -19.92
C THR B 199 -11.63 -17.74 -20.27
N LEU B 200 -10.72 -17.16 -19.49
CA LEU B 200 -9.29 -17.07 -19.88
C LEU B 200 -8.52 -18.32 -19.41
N ASP B 201 -7.69 -18.87 -20.30
CA ASP B 201 -6.71 -19.95 -20.07
C ASP B 201 -5.43 -19.33 -19.48
N MET B 202 -4.89 -19.98 -18.47
CA MET B 202 -3.68 -19.52 -17.76
C MET B 202 -2.76 -20.73 -17.60
N LYS B 203 -1.48 -20.56 -17.92
CA LYS B 203 -0.46 -21.62 -17.77
C LYS B 203 0.76 -21.02 -17.07
N LEU B 204 1.38 -21.80 -16.19
CA LEU B 204 2.71 -21.47 -15.65
C LEU B 204 3.69 -22.63 -15.85
N TRP B 205 4.87 -22.29 -16.38
CA TRP B 205 6.01 -23.23 -16.57
C TRP B 205 7.14 -22.85 -15.60
N VAL B 206 7.80 -23.85 -15.03
CA VAL B 206 9.17 -23.73 -14.49
C VAL B 206 10.08 -24.47 -15.48
N ASN B 207 11.04 -23.77 -16.07
CA ASN B 207 11.89 -24.28 -17.17
C ASN B 207 10.90 -24.88 -18.18
N ASP B 208 11.08 -26.16 -18.57
CA ASP B 208 10.29 -26.81 -19.66
C ASP B 208 9.09 -27.55 -19.06
N ASP B 209 8.90 -27.43 -17.74
CA ASP B 209 7.89 -28.20 -16.95
C ASP B 209 6.63 -27.33 -16.75
N LEU B 210 5.51 -27.70 -17.38
CA LEU B 210 4.18 -27.07 -17.13
C LEU B 210 3.70 -27.50 -15.76
N ARG B 211 3.52 -26.54 -14.84
CA ARG B 211 3.18 -26.81 -13.42
C ARG B 211 1.72 -26.47 -13.17
N GLN B 212 1.21 -25.38 -13.76
CA GLN B 212 -0.18 -24.92 -13.51
C GLN B 212 -0.84 -24.66 -14.86
N LYS B 213 -2.06 -25.17 -15.00
CA LYS B 213 -2.90 -24.98 -16.19
C LYS B 213 -4.31 -24.81 -15.68
N ALA B 214 -4.98 -23.69 -16.02
CA ALA B 214 -6.37 -23.46 -15.62
C ALA B 214 -7.11 -22.48 -16.54
N ASN B 215 -8.40 -22.33 -16.28
CA ASN B 215 -9.29 -21.34 -16.92
C ASN B 215 -10.04 -20.58 -15.82
N THR B 216 -10.18 -19.26 -15.97
CA THR B 216 -10.81 -18.38 -14.98
C THR B 216 -12.30 -18.70 -14.85
N ARG B 217 -12.85 -19.52 -15.74
CA ARG B 217 -14.27 -20.01 -15.60
C ARG B 217 -14.37 -20.85 -14.33
N ASP B 218 -13.25 -21.29 -13.76
CA ASP B 218 -13.21 -22.24 -12.62
C ASP B 218 -12.96 -21.48 -11.29
N LEU B 219 -12.94 -20.13 -11.31
CA LEU B 219 -12.84 -19.30 -10.07
C LEU B 219 -13.99 -19.65 -9.12
N VAL B 220 -13.71 -19.86 -7.85
CA VAL B 220 -14.79 -20.10 -6.85
C VAL B 220 -15.54 -18.78 -6.62
N LEU B 221 -14.86 -17.73 -6.14
CA LEU B 221 -15.42 -16.35 -6.07
C LEU B 221 -15.06 -15.64 -7.37
N ASP B 222 -16.08 -15.29 -8.15
CA ASP B 222 -15.91 -14.78 -9.53
C ASP B 222 -15.43 -13.34 -9.46
N ILE B 223 -15.11 -12.77 -10.61
CA ILE B 223 -14.52 -11.42 -10.70
C ILE B 223 -15.46 -10.44 -10.04
N PRO B 224 -16.77 -10.42 -10.37
CA PRO B 224 -17.69 -9.49 -9.72
C PRO B 224 -17.75 -9.66 -8.21
N GLY B 225 -17.70 -10.91 -7.73
CA GLY B 225 -17.72 -11.21 -6.30
C GLY B 225 -16.49 -10.65 -5.60
N MET B 226 -15.33 -10.70 -6.25
CA MET B 226 -14.06 -10.29 -5.62
C MET B 226 -13.99 -8.75 -5.50
N ILE B 227 -14.58 -8.05 -6.47
CA ILE B 227 -14.71 -6.56 -6.48
C ILE B 227 -15.75 -6.13 -5.43
N ALA B 228 -16.93 -6.74 -5.42
CA ALA B 228 -17.97 -6.45 -4.40
C ALA B 228 -17.42 -6.71 -2.99
N THR B 229 -16.67 -7.82 -2.80
CA THR B 229 -16.11 -8.22 -1.47
C THR B 229 -15.07 -7.19 -1.01
N ALA B 230 -14.04 -6.93 -1.81
CA ALA B 230 -12.96 -5.96 -1.47
C ALA B 230 -13.55 -4.56 -1.23
N SER B 231 -14.44 -4.11 -2.12
CA SER B 231 -15.04 -2.75 -2.10
C SER B 231 -16.03 -2.57 -0.95
N ALA B 232 -16.58 -3.64 -0.36
CA ALA B 232 -17.50 -3.57 0.80
C ALA B 232 -16.72 -3.15 2.04
N VAL B 233 -15.45 -3.52 2.08
CA VAL B 233 -14.59 -3.27 3.27
C VAL B 233 -13.78 -1.97 3.05
N MET B 234 -13.21 -1.81 1.87
CA MET B 234 -12.19 -0.77 1.61
C MET B 234 -12.63 0.06 0.41
N THR B 235 -12.35 1.35 0.44
CA THR B 235 -12.39 2.21 -0.77
C THR B 235 -11.24 1.77 -1.71
N LEU B 236 -11.58 1.29 -2.91
CA LEU B 236 -10.62 0.91 -3.95
C LEU B 236 -10.19 2.19 -4.68
N GLN B 237 -8.97 2.15 -5.24
CA GLN B 237 -8.33 3.28 -5.95
C GLN B 237 -7.88 2.77 -7.32
N PRO B 238 -7.87 3.66 -8.32
CA PRO B 238 -7.18 3.41 -9.57
C PRO B 238 -5.77 2.91 -9.26
N GLY B 239 -5.34 1.92 -10.03
CA GLY B 239 -4.04 1.24 -9.88
C GLY B 239 -4.07 0.11 -8.87
N ASP B 240 -5.12 -0.02 -8.05
CA ASP B 240 -5.22 -1.14 -7.08
C ASP B 240 -5.10 -2.47 -7.82
N ILE B 241 -4.42 -3.42 -7.20
CA ILE B 241 -4.22 -4.76 -7.82
C ILE B 241 -5.04 -5.75 -6.99
N ILE B 242 -5.91 -6.53 -7.64
CA ILE B 242 -6.58 -7.73 -7.06
C ILE B 242 -5.99 -9.00 -7.69
N ALA B 243 -5.23 -9.73 -6.89
CA ALA B 243 -4.76 -11.09 -7.19
C ALA B 243 -5.91 -12.07 -6.98
N THR B 244 -6.39 -12.72 -8.04
CA THR B 244 -7.68 -13.46 -8.08
C THR B 244 -7.53 -14.90 -7.58
N GLY B 245 -6.32 -15.35 -7.25
CA GLY B 245 -6.08 -16.72 -6.76
C GLY B 245 -5.27 -17.58 -7.72
N THR B 246 -4.90 -18.76 -7.25
CA THR B 246 -4.04 -19.69 -8.02
C THR B 246 -4.72 -21.06 -8.06
N PRO B 247 -4.59 -21.79 -9.18
CA PRO B 247 -5.01 -23.19 -9.25
C PRO B 247 -3.99 -24.16 -8.62
N GLU B 248 -4.26 -25.47 -8.72
CA GLU B 248 -3.36 -26.58 -8.29
C GLU B 248 -2.06 -26.53 -9.11
N GLY B 249 -1.05 -27.27 -8.65
CA GLY B 249 0.29 -27.31 -9.26
C GLY B 249 1.25 -26.32 -8.63
N VAL B 250 0.82 -25.64 -7.55
CA VAL B 250 1.71 -24.78 -6.74
C VAL B 250 2.92 -25.65 -6.33
N GLY B 251 4.13 -25.15 -6.52
CA GLY B 251 5.35 -25.94 -6.24
C GLY B 251 6.60 -25.10 -6.23
N PRO B 252 7.77 -25.69 -5.92
CA PRO B 252 8.97 -24.92 -5.58
C PRO B 252 9.77 -24.41 -6.78
N VAL B 253 10.56 -23.39 -6.58
CA VAL B 253 11.50 -22.83 -7.60
C VAL B 253 12.86 -22.72 -6.91
N VAL B 254 13.97 -22.89 -7.64
CA VAL B 254 15.34 -22.86 -7.05
C VAL B 254 16.18 -21.91 -7.89
N ASP B 255 17.36 -21.54 -7.39
CA ASP B 255 18.38 -20.74 -8.13
C ASP B 255 18.49 -21.30 -9.55
N GLY B 256 18.48 -20.43 -10.54
CA GLY B 256 18.60 -20.79 -11.97
C GLY B 256 17.28 -21.15 -12.63
N ASP B 257 16.16 -21.27 -11.92
CA ASP B 257 14.86 -21.58 -12.58
C ASP B 257 14.40 -20.35 -13.38
N ARG B 258 13.64 -20.58 -14.44
CA ARG B 258 12.90 -19.55 -15.23
C ARG B 258 11.41 -19.87 -15.07
N ILE B 259 10.60 -18.90 -14.61
CA ILE B 259 9.12 -19.01 -14.50
C ILE B 259 8.52 -18.23 -15.67
N ARG B 260 7.70 -18.90 -16.48
N ARG B 260 7.64 -18.90 -16.43
CA ARG B 260 6.92 -18.25 -17.56
CA ARG B 260 6.90 -18.36 -17.60
C ARG B 260 5.45 -18.39 -17.19
C ARG B 260 5.40 -18.42 -17.25
N ILE B 261 4.71 -17.28 -17.25
CA ILE B 261 3.24 -17.25 -17.09
C ILE B 261 2.69 -16.71 -18.40
N VAL B 262 1.71 -17.40 -18.96
CA VAL B 262 0.88 -16.92 -20.10
C VAL B 262 -0.56 -16.87 -19.58
N ILE B 263 -1.25 -15.77 -19.83
CA ILE B 263 -2.73 -15.66 -19.71
C ILE B 263 -3.27 -15.17 -21.07
N ASP B 264 -4.07 -16.00 -21.72
CA ASP B 264 -4.77 -15.69 -23.00
C ASP B 264 -5.39 -14.28 -22.94
N GLN B 265 -5.13 -13.48 -23.99
CA GLN B 265 -5.71 -12.13 -24.21
C GLN B 265 -5.17 -11.11 -23.22
N VAL B 266 -4.35 -11.53 -22.26
CA VAL B 266 -3.85 -10.61 -21.20
C VAL B 266 -2.35 -10.38 -21.37
N GLY B 267 -1.55 -11.44 -21.40
CA GLY B 267 -0.11 -11.26 -21.59
C GLY B 267 0.71 -12.45 -21.18
N GLU B 268 2.01 -12.29 -21.28
CA GLU B 268 2.93 -13.37 -20.90
C GLU B 268 4.25 -12.77 -20.43
N MET B 269 4.80 -13.33 -19.39
CA MET B 269 6.15 -12.90 -18.93
C MET B 269 6.93 -14.07 -18.36
N ALA B 270 8.24 -13.90 -18.43
CA ALA B 270 9.22 -14.87 -17.90
C ALA B 270 10.14 -14.11 -16.96
N VAL B 271 10.43 -14.70 -15.82
CA VAL B 271 11.45 -14.14 -14.88
C VAL B 271 12.44 -15.23 -14.48
N ASP B 272 13.68 -14.81 -14.21
CA ASP B 272 14.73 -15.65 -13.58
C ASP B 272 14.54 -15.69 -12.07
N VAL B 273 14.90 -16.81 -11.48
CA VAL B 273 14.99 -17.05 -10.01
C VAL B 273 16.47 -17.12 -9.63
N VAL B 274 16.83 -16.40 -8.56
N VAL B 274 16.86 -16.33 -8.61
CA VAL B 274 18.24 -16.19 -8.09
CA VAL B 274 18.25 -16.25 -8.11
C VAL B 274 18.25 -16.34 -6.57
C VAL B 274 18.21 -16.42 -6.59
N GLN B 275 19.23 -17.08 -6.03
CA GLN B 275 19.43 -17.26 -4.57
C GLN B 275 19.87 -15.92 -4.01
N GLY B 276 19.21 -15.43 -2.96
CA GLY B 276 19.60 -14.17 -2.29
C GLY B 276 20.78 -14.38 -1.34
N GLN B 277 21.50 -13.27 -1.09
CA GLN B 277 22.60 -13.11 -0.10
C GLN B 277 22.09 -13.47 1.32
#